data_3OYV
#
_entry.id   3OYV
#
_cell.length_a   104.427
_cell.length_b   47.921
_cell.length_c   83.914
_cell.angle_alpha   90.000
_cell.angle_beta   124.620
_cell.angle_gamma   90.000
#
_symmetry.space_group_name_H-M   'C 1 2 1'
#
loop_
_entity.id
_entity.type
_entity.pdbx_description
1 polymer Imelysin
2 non-polymer 'UNKNOWN LIGAND'
3 non-polymer 'CHLORIDE ION'
4 non-polymer GLYCEROL
5 water water
#
_entity_poly.entity_id   1
_entity_poly.type   'polypeptide(L)'
_entity_poly.pdbx_seq_one_letter_code
;GSDDDNPTVDPANIDYTPENASSWHNY(MSE)RNVAALLKTDATNLYNAWNSSYKGGESYASLFKAHSGSPYASALSCVE
EIVDKCAEIANEVGTAKIGDPYNLYKAGNTEEALYAVESWYSWHSRDDYTNNIYSIRNAYYGSLDGNINANSLSTVIAGA
NSSLDTKIKNAIQKAAKAIQDIPQPFRNHIPSNETVAA(MSE)DACAELESILKNDLKSYIANNSNNINTDAVLNPVVTQ
YVDAVVVPTYKSLKEKNDALYNAVIVLADNPSNSAFETACDAWITAREPWEKSEAFLFGPVDE(MSE)GLDPN(MSE)DS
WPLDQNAIVQILNSQSWSDLEWSEGDDEAAVESAQNVRGFHTLEFLLYKNGEPRKVQ
;
_entity_poly.pdbx_strand_id   A
#
# COMPACT_ATOMS: atom_id res chain seq x y z
C PRO A 7 25.02 -13.86 -0.15
N THR A 8 26.18 -13.31 -0.53
CA THR A 8 26.51 -11.88 -0.32
C THR A 8 25.28 -10.98 -0.61
N VAL A 9 24.91 -10.12 0.34
CA VAL A 9 23.90 -9.06 0.12
C VAL A 9 24.45 -8.00 -0.84
N ASP A 10 23.68 -7.63 -1.86
CA ASP A 10 24.11 -6.61 -2.83
CA ASP A 10 24.08 -6.63 -2.85
C ASP A 10 23.24 -5.38 -2.66
N PRO A 11 23.75 -4.35 -1.91
CA PRO A 11 23.01 -3.08 -1.75
C PRO A 11 22.86 -2.23 -2.98
N ALA A 12 23.60 -2.52 -4.03
CA ALA A 12 23.50 -1.75 -5.27
C ALA A 12 23.63 -0.24 -5.05
N ASN A 13 24.74 0.17 -4.47
CA ASN A 13 25.06 1.57 -4.24
C ASN A 13 25.33 2.29 -5.57
N ILE A 14 24.70 3.43 -5.77
CA ILE A 14 25.03 4.30 -6.89
C ILE A 14 24.65 5.72 -6.51
N ASP A 15 25.40 6.71 -6.96
CA ASP A 15 25.03 8.09 -6.81
C ASP A 15 24.82 8.73 -8.18
N TYR A 16 24.00 9.77 -8.19
CA TYR A 16 23.75 10.55 -9.39
C TYR A 16 25.01 11.32 -9.75
N THR A 17 25.43 11.21 -11.00
CA THR A 17 26.62 11.90 -11.49
C THR A 17 26.34 12.49 -12.86
N PRO A 18 27.21 13.42 -13.34
CA PRO A 18 27.03 13.88 -14.72
C PRO A 18 27.04 12.73 -15.74
N GLU A 19 27.81 11.70 -15.47
CA GLU A 19 28.00 10.62 -16.43
C GLU A 19 26.80 9.69 -16.49
N ASN A 20 26.05 9.53 -15.39
CA ASN A 20 24.85 8.67 -15.42
C ASN A 20 23.55 9.47 -15.45
N ALA A 21 23.65 10.81 -15.52
CA ALA A 21 22.47 11.65 -15.38
C ALA A 21 21.44 11.40 -16.47
N SER A 22 21.88 11.21 -17.73
CA SER A 22 20.92 11.05 -18.81
CA SER A 22 20.91 11.05 -18.81
C SER A 22 20.13 9.76 -18.63
N SER A 23 20.82 8.67 -18.32
CA SER A 23 20.13 7.39 -18.05
CA SER A 23 20.13 7.41 -18.06
C SER A 23 19.19 7.53 -16.85
N TRP A 24 19.65 8.23 -15.82
CA TRP A 24 18.85 8.43 -14.60
C TRP A 24 17.56 9.16 -14.94
N HIS A 25 17.66 10.23 -15.73
CA HIS A 25 16.48 10.99 -16.18
C HIS A 25 15.52 10.11 -16.94
N ASN A 26 16.05 9.44 -17.97
CA ASN A 26 15.22 8.61 -18.82
C ASN A 26 14.54 7.47 -18.07
N TYR A 27 15.28 6.82 -17.18
CA TYR A 27 14.69 5.68 -16.47
C TYR A 27 13.68 6.13 -15.42
N ARG A 29 11.83 8.76 -15.69
CA ARG A 29 10.67 9.05 -16.50
C ARG A 29 9.90 7.77 -16.87
N ASN A 30 10.64 6.75 -17.30
CA ASN A 30 10.01 5.50 -17.66
C ASN A 30 9.20 4.91 -16.51
N VAL A 31 9.82 4.85 -15.33
CA VAL A 31 9.16 4.24 -14.18
C VAL A 31 7.95 5.08 -13.73
N ALA A 32 8.06 6.41 -13.77
CA ALA A 32 6.96 7.29 -13.39
C ALA A 32 5.83 7.19 -14.42
N ALA A 33 6.16 7.04 -15.72
CA ALA A 33 5.15 6.87 -16.78
C ALA A 33 4.36 5.60 -16.55
N LEU A 34 5.07 4.53 -16.20
CA LEU A 34 4.39 3.25 -15.95
C LEU A 34 3.43 3.36 -14.76
N LEU A 35 3.88 4.05 -13.73
CA LEU A 35 3.07 4.27 -12.51
C LEU A 35 1.81 5.10 -12.82
N LYS A 36 1.97 6.11 -13.66
CA LYS A 36 0.88 6.98 -14.09
CA LYS A 36 0.85 6.97 -14.07
C LYS A 36 -0.15 6.16 -14.88
N THR A 37 0.33 5.39 -15.83
CA THR A 37 -0.55 4.55 -16.64
C THR A 37 -1.29 3.55 -15.76
N ASP A 38 -0.57 2.86 -14.89
CA ASP A 38 -1.17 1.84 -14.02
C ASP A 38 -2.24 2.44 -13.11
N ALA A 39 -1.93 3.55 -12.42
CA ALA A 39 -2.92 4.18 -11.52
C ALA A 39 -4.15 4.65 -12.30
N THR A 40 -3.96 5.19 -13.50
CA THR A 40 -5.08 5.65 -14.32
C THR A 40 -5.97 4.47 -14.71
N ASN A 41 -5.34 3.37 -15.11
CA ASN A 41 -6.11 2.21 -15.52
C ASN A 41 -6.84 1.57 -14.34
N LEU A 42 -6.18 1.56 -13.18
CA LEU A 42 -6.81 1.02 -11.95
C LEU A 42 -8.07 1.84 -11.57
N TYR A 43 -7.92 3.15 -11.54
CA TYR A 43 -9.05 4.03 -11.22
C TYR A 43 -10.18 3.85 -12.26
N ASN A 44 -9.83 3.88 -13.55
CA ASN A 44 -10.85 3.76 -14.57
C ASN A 44 -11.58 2.42 -14.56
N ALA A 45 -10.89 1.35 -14.13
CA ALA A 45 -11.52 0.03 -14.08
C ALA A 45 -12.62 0.06 -13.02
N TRP A 46 -12.34 0.73 -11.90
CA TRP A 46 -13.34 0.87 -10.84
C TRP A 46 -14.42 1.86 -11.17
N ASN A 47 -14.05 3.00 -11.75
CA ASN A 47 -14.95 4.14 -11.85
C ASN A 47 -15.71 4.25 -13.16
N SER A 48 -15.17 3.67 -14.22
CA SER A 48 -15.75 3.86 -15.56
CA SER A 48 -15.75 3.85 -15.55
C SER A 48 -16.15 2.54 -16.22
N SER A 49 -15.22 1.64 -16.37
CA SER A 49 -15.49 0.42 -17.12
C SER A 49 -14.46 -0.65 -16.83
N TYR A 50 -14.94 -1.82 -16.42
CA TYR A 50 -14.13 -2.97 -16.18
C TYR A 50 -14.26 -3.90 -17.37
N LYS A 51 -13.15 -4.06 -18.08
CA LYS A 51 -13.06 -4.94 -19.25
C LYS A 51 -14.13 -4.62 -20.26
N GLY A 52 -14.33 -3.34 -20.52
CA GLY A 52 -15.30 -2.90 -21.52
C GLY A 52 -16.75 -2.88 -21.10
N GLY A 53 -17.07 -3.37 -19.90
CA GLY A 53 -18.43 -3.41 -19.40
C GLY A 53 -18.65 -2.36 -18.32
N GLU A 54 -19.60 -2.63 -17.42
CA GLU A 54 -19.90 -1.75 -16.30
C GLU A 54 -18.63 -1.59 -15.47
N SER A 55 -18.57 -0.52 -14.71
CA SER A 55 -17.41 -0.30 -13.85
C SER A 55 -17.32 -1.39 -12.78
N TYR A 56 -16.14 -1.57 -12.20
CA TYR A 56 -16.03 -2.55 -11.12
C TYR A 56 -16.81 -2.08 -9.88
N ALA A 57 -16.91 -0.78 -9.67
CA ALA A 57 -17.71 -0.23 -8.58
C ALA A 57 -19.17 -0.71 -8.76
N SER A 58 -19.70 -0.55 -9.97
CA SER A 58 -21.08 -0.95 -10.22
C SER A 58 -21.25 -2.47 -10.01
N LEU A 59 -20.29 -3.25 -10.48
CA LEU A 59 -20.30 -4.70 -10.34
C LEU A 59 -20.33 -5.13 -8.87
N PHE A 60 -19.43 -4.56 -8.08
CA PHE A 60 -19.32 -4.93 -6.68
C PHE A 60 -20.55 -4.51 -5.89
N LYS A 61 -21.05 -3.30 -6.13
CA LYS A 61 -22.26 -2.85 -5.45
C LYS A 61 -23.52 -3.64 -5.81
N ALA A 62 -23.57 -4.13 -7.05
CA ALA A 62 -24.73 -4.90 -7.49
C ALA A 62 -24.71 -6.33 -6.96
N HIS A 63 -23.52 -6.91 -6.91
CA HIS A 63 -23.26 -8.26 -6.46
C HIS A 63 -24.36 -9.24 -6.88
N SER A 64 -24.51 -9.40 -8.19
CA SER A 64 -25.64 -10.15 -8.74
C SER A 64 -25.27 -11.48 -9.36
N GLY A 65 -24.03 -11.88 -9.21
CA GLY A 65 -23.54 -13.13 -9.82
C GLY A 65 -22.15 -13.42 -9.34
N SER A 66 -21.68 -14.65 -9.56
CA SER A 66 -20.32 -15.03 -9.17
C SER A 66 -19.33 -13.99 -9.69
N PRO A 67 -18.26 -13.70 -8.91
CA PRO A 67 -17.90 -14.27 -7.62
C PRO A 67 -18.58 -13.58 -6.42
N TYR A 68 -19.41 -12.57 -6.69
CA TYR A 68 -20.11 -11.82 -5.63
C TYR A 68 -21.60 -11.83 -5.88
N ALA A 69 -22.26 -12.80 -5.25
CA ALA A 69 -23.68 -13.03 -5.46
C ALA A 69 -24.57 -12.48 -4.35
N SER A 70 -23.94 -11.89 -3.33
CA SER A 70 -24.67 -11.37 -2.19
C SER A 70 -23.84 -10.28 -1.55
N ALA A 71 -24.49 -9.45 -0.74
CA ALA A 71 -23.74 -8.47 0.04
C ALA A 71 -22.83 -9.17 1.06
N LEU A 72 -23.29 -10.30 1.62
CA LEU A 72 -22.46 -11.08 2.52
C LEU A 72 -21.15 -11.48 1.85
N SER A 73 -21.21 -11.98 0.62
CA SER A 73 -20.01 -12.37 -0.11
CA SER A 73 -19.97 -12.38 -0.04
C SER A 73 -19.03 -11.18 -0.26
N CYS A 74 -19.59 -10.02 -0.60
CA CYS A 74 -18.78 -8.81 -0.69
C CYS A 74 -18.11 -8.51 0.65
N VAL A 75 -18.89 -8.59 1.75
CA VAL A 75 -18.37 -8.21 3.06
C VAL A 75 -17.31 -9.22 3.59
N GLU A 76 -17.50 -10.50 3.26
CA GLU A 76 -16.49 -11.49 3.59
C GLU A 76 -15.18 -11.18 2.87
N GLU A 77 -15.28 -10.74 1.61
CA GLU A 77 -14.09 -10.36 0.85
C GLU A 77 -13.45 -9.12 1.51
N ILE A 78 -14.28 -8.14 1.86
CA ILE A 78 -13.77 -6.93 2.52
C ILE A 78 -12.97 -7.29 3.79
N VAL A 79 -13.58 -8.13 4.63
CA VAL A 79 -12.96 -8.48 5.91
C VAL A 79 -11.72 -9.35 5.71
N ASP A 80 -11.80 -10.29 4.78
CA ASP A 80 -10.65 -11.15 4.43
C ASP A 80 -9.47 -10.30 4.01
N LYS A 81 -9.73 -9.28 3.20
CA LYS A 81 -8.62 -8.48 2.67
C LYS A 81 -8.06 -7.51 3.71
N CYS A 82 -8.86 -7.09 4.69
CA CYS A 82 -8.34 -6.39 5.87
C CYS A 82 -7.40 -7.31 6.68
N ALA A 83 -7.86 -8.55 6.93
CA ALA A 83 -7.08 -9.55 7.67
C ALA A 83 -5.77 -9.81 6.94
N GLU A 84 -5.85 -9.94 5.61
CA GLU A 84 -4.65 -10.21 4.82
CA GLU A 84 -4.66 -10.24 4.81
C GLU A 84 -3.58 -9.15 4.95
N ILE A 85 -3.97 -7.88 4.89
CA ILE A 85 -2.94 -6.83 5.07
C ILE A 85 -2.38 -6.77 6.48
N ALA A 86 -3.21 -7.03 7.49
CA ALA A 86 -2.70 -7.15 8.85
C ALA A 86 -1.67 -8.27 8.98
N ASN A 87 -1.95 -9.38 8.32
CA ASN A 87 -1.00 -10.51 8.27
CA ASN A 87 -1.02 -10.50 8.27
C ASN A 87 0.28 -10.12 7.56
N GLU A 88 0.13 -9.49 6.40
CA GLU A 88 1.32 -9.12 5.61
CA GLU A 88 1.31 -9.11 5.60
C GLU A 88 2.21 -8.13 6.33
N VAL A 89 1.63 -7.12 6.96
CA VAL A 89 2.40 -6.14 7.67
C VAL A 89 3.15 -6.81 8.82
N GLY A 90 2.44 -7.59 9.63
CA GLY A 90 3.06 -8.15 10.83
C GLY A 90 4.10 -9.21 10.55
N THR A 91 3.71 -10.14 9.70
CA THR A 91 4.52 -11.33 9.55
C THR A 91 5.55 -11.19 8.42
N ALA A 92 5.29 -10.35 7.41
CA ALA A 92 6.21 -10.20 6.30
C ALA A 92 6.96 -8.87 6.32
N LYS A 93 6.23 -7.75 6.29
CA LYS A 93 6.90 -6.46 6.23
C LYS A 93 7.78 -6.21 7.46
N ILE A 94 7.24 -6.51 8.64
CA ILE A 94 7.99 -6.37 9.89
C ILE A 94 8.71 -7.70 10.23
N GLY A 95 7.98 -8.79 10.12
CA GLY A 95 8.45 -10.10 10.55
C GLY A 95 9.63 -10.68 9.80
N ASP A 96 9.65 -10.50 8.48
CA ASP A 96 10.78 -11.07 7.71
C ASP A 96 12.10 -10.42 8.11
N PRO A 97 12.20 -9.08 8.09
CA PRO A 97 13.45 -8.51 8.59
C PRO A 97 13.78 -8.90 10.04
N TYR A 98 12.77 -8.91 10.91
CA TYR A 98 13.01 -9.30 12.29
C TYR A 98 13.57 -10.71 12.41
N ASN A 99 12.98 -11.67 11.74
CA ASN A 99 13.46 -13.05 11.88
C ASN A 99 14.85 -13.23 11.25
N LEU A 100 15.09 -12.60 10.10
CA LEU A 100 16.46 -12.60 9.55
C LEU A 100 17.48 -12.04 10.58
N TYR A 101 17.14 -10.94 11.22
CA TYR A 101 18.05 -10.26 12.11
C TYR A 101 18.34 -11.18 13.31
N LYS A 102 17.28 -11.74 13.90
CA LYS A 102 17.47 -12.58 15.10
C LYS A 102 18.27 -13.84 14.81
N ALA A 103 18.23 -14.32 13.55
CA ALA A 103 19.02 -15.47 13.11
C ALA A 103 20.49 -15.13 12.85
N GLY A 104 20.85 -13.87 12.98
CA GLY A 104 22.22 -13.40 12.76
C GLY A 104 22.45 -12.87 11.35
N ASN A 105 21.42 -12.94 10.49
CA ASN A 105 21.52 -12.42 9.11
C ASN A 105 21.16 -10.95 9.08
N THR A 106 21.94 -10.17 9.81
CA THR A 106 21.56 -8.82 10.15
C THR A 106 21.63 -7.87 8.95
N GLU A 107 22.61 -8.07 8.09
CA GLU A 107 22.73 -7.20 6.92
C GLU A 107 21.66 -7.54 5.88
N GLU A 108 21.36 -8.82 5.69
CA GLU A 108 20.21 -9.19 4.86
CA GLU A 108 20.20 -9.23 4.88
C GLU A 108 18.94 -8.54 5.42
N ALA A 109 18.79 -8.55 6.74
CA ALA A 109 17.61 -7.96 7.40
C ALA A 109 17.44 -6.48 7.05
N LEU A 110 18.54 -5.73 7.19
CA LEU A 110 18.52 -4.30 6.96
C LEU A 110 18.05 -3.98 5.53
N TYR A 111 18.53 -4.75 4.57
CA TYR A 111 18.22 -4.49 3.16
C TYR A 111 16.90 -5.09 2.70
N ALA A 112 16.23 -5.83 3.60
CA ALA A 112 14.92 -6.41 3.32
C ALA A 112 13.75 -5.48 3.65
N VAL A 113 14.02 -4.38 4.36
CA VAL A 113 12.96 -3.53 4.89
C VAL A 113 12.28 -2.69 3.78
N GLU A 114 11.01 -2.98 3.51
CA GLU A 114 10.23 -2.24 2.53
CA GLU A 114 10.26 -2.24 2.52
C GLU A 114 10.10 -0.78 2.93
N SER A 115 10.44 0.13 2.03
CA SER A 115 10.40 1.59 2.20
C SER A 115 11.56 2.14 3.05
N TRP A 116 12.65 1.38 3.21
CA TRP A 116 13.77 1.91 3.97
C TRP A 116 14.53 3.02 3.26
N TYR A 117 14.51 3.05 1.92
CA TYR A 117 15.34 4.00 1.23
C TYR A 117 15.00 5.41 1.67
N SER A 118 13.71 5.63 1.95
CA SER A 118 13.19 6.93 2.36
C SER A 118 12.94 7.02 3.88
N TRP A 119 13.36 5.98 4.62
CA TRP A 119 13.08 5.84 6.07
C TRP A 119 11.59 5.98 6.36
N HIS A 120 10.80 5.42 5.46
CA HIS A 120 9.35 5.59 5.44
C HIS A 120 8.59 4.34 5.90
N SER A 121 9.29 3.27 6.28
CA SER A 121 8.62 1.99 6.59
CA SER A 121 8.66 2.00 6.61
C SER A 121 7.55 2.13 7.67
N ARG A 122 7.88 2.80 8.78
CA ARG A 122 6.89 2.96 9.84
C ARG A 122 5.59 3.58 9.30
N ASP A 123 5.74 4.69 8.57
CA ASP A 123 4.58 5.41 8.09
C ASP A 123 3.82 4.62 7.04
N ASP A 124 4.54 3.92 6.17
CA ASP A 124 3.97 3.03 5.17
C ASP A 124 3.08 2.00 5.87
N TYR A 125 3.66 1.28 6.82
CA TYR A 125 2.94 0.14 7.41
C TYR A 125 1.77 0.64 8.26
N THR A 126 1.95 1.81 8.89
CA THR A 126 0.87 2.43 9.65
C THR A 126 -0.28 2.81 8.72
N ASN A 127 0.05 3.38 7.54
CA ASN A 127 -1.00 3.67 6.54
C ASN A 127 -1.72 2.44 6.09
N ASN A 128 -1.01 1.31 5.99
CA ASN A 128 -1.66 0.06 5.67
C ASN A 128 -2.72 -0.30 6.73
N ILE A 129 -2.40 -0.06 8.00
CA ILE A 129 -3.38 -0.31 9.07
C ILE A 129 -4.55 0.69 8.97
N TYR A 130 -4.25 1.94 8.63
CA TYR A 130 -5.34 2.90 8.41
C TYR A 130 -6.23 2.51 7.25
N SER A 131 -5.73 1.75 6.30
CA SER A 131 -6.59 1.18 5.26
C SER A 131 -7.69 0.30 5.87
N ILE A 132 -7.30 -0.50 6.85
CA ILE A 132 -8.27 -1.34 7.56
C ILE A 132 -9.28 -0.44 8.33
N ARG A 133 -8.78 0.57 9.02
CA ARG A 133 -9.65 1.52 9.67
C ARG A 133 -10.68 2.09 8.71
N ASN A 134 -10.20 2.57 7.56
CA ASN A 134 -11.12 3.15 6.57
C ASN A 134 -12.17 2.17 6.11
N ALA A 135 -11.78 0.93 5.85
CA ALA A 135 -12.72 -0.10 5.43
C ALA A 135 -13.78 -0.33 6.49
N TYR A 136 -13.36 -0.42 7.75
CA TYR A 136 -14.26 -0.73 8.86
C TYR A 136 -15.20 0.44 9.19
N TYR A 137 -14.69 1.65 9.03
CA TYR A 137 -15.41 2.89 9.38
C TYR A 137 -16.26 3.45 8.22
N GLY A 138 -16.04 2.95 7.01
CA GLY A 138 -16.74 3.50 5.84
C GLY A 138 -16.42 4.93 5.53
N SER A 139 -15.16 5.32 5.76
CA SER A 139 -14.74 6.69 5.53
C SER A 139 -13.23 6.78 5.37
N LEU A 140 -12.76 7.99 5.05
CA LEU A 140 -11.32 8.23 4.91
C LEU A 140 -10.69 9.08 5.98
N ASP A 141 -11.54 9.81 6.68
N ASP A 141 -11.45 9.48 7.02
CA ASP A 141 -11.14 10.97 7.45
CA ASP A 141 -10.91 10.42 8.04
C ASP A 141 -11.32 10.67 8.94
C ASP A 141 -11.19 10.08 9.52
N GLY A 142 -11.43 9.40 9.28
N GLY A 142 -11.32 8.80 9.83
CA GLY A 142 -11.55 8.96 10.67
CA GLY A 142 -11.18 8.34 11.20
C GLY A 142 -12.95 9.10 11.27
C GLY A 142 -12.42 8.44 12.05
N ASN A 143 -13.93 9.48 10.48
N ASN A 143 -13.50 8.90 11.44
CA ASN A 143 -15.33 9.53 10.96
CA ASN A 143 -14.78 8.78 12.08
C ASN A 143 -16.01 8.10 10.92
C ASN A 143 -15.59 7.71 11.43
N ILE A 144 -16.74 7.60 11.98
CA ILE A 144 -17.46 6.34 11.84
CA ILE A 144 -17.50 6.35 11.83
C ILE A 144 -18.77 6.65 11.08
N ASN A 145 -18.84 6.22 9.83
CA ASN A 145 -19.99 6.51 9.02
C ASN A 145 -21.21 5.73 9.49
N ALA A 146 -22.40 6.32 9.32
CA ALA A 146 -23.63 5.63 9.61
C ALA A 146 -23.78 4.31 8.87
N ASN A 147 -23.27 4.26 7.64
CA ASN A 147 -23.35 3.05 6.82
C ASN A 147 -21.97 2.39 6.77
N SER A 148 -21.60 1.76 7.86
CA SER A 148 -20.30 1.10 7.99
C SER A 148 -20.45 -0.21 8.73
N LEU A 149 -19.47 -1.10 8.56
CA LEU A 149 -19.43 -2.31 9.34
C LEU A 149 -19.39 -1.95 10.81
N SER A 150 -18.61 -0.95 11.18
CA SER A 150 -18.52 -0.57 12.60
C SER A 150 -19.90 -0.24 13.19
N THR A 151 -20.71 0.52 12.47
CA THR A 151 -22.03 0.87 12.99
C THR A 151 -22.93 -0.35 13.11
N VAL A 152 -22.88 -1.24 12.12
CA VAL A 152 -23.66 -2.48 12.16
C VAL A 152 -23.25 -3.36 13.35
N ILE A 153 -21.94 -3.56 13.54
CA ILE A 153 -21.47 -4.38 14.64
C ILE A 153 -21.78 -3.70 15.98
N ALA A 154 -21.63 -2.38 16.07
CA ALA A 154 -21.92 -1.64 17.30
C ALA A 154 -23.38 -1.88 17.72
N GLY A 155 -24.30 -1.93 16.75
CA GLY A 155 -25.71 -2.14 17.07
C GLY A 155 -25.99 -3.56 17.51
N ALA A 156 -25.24 -4.54 17.02
CA ALA A 156 -25.47 -5.95 17.31
C ALA A 156 -24.68 -6.49 18.49
N ASN A 157 -23.47 -5.95 18.67
CA ASN A 157 -22.50 -6.46 19.65
C ASN A 157 -21.47 -5.38 19.90
N SER A 158 -21.84 -4.44 20.75
CA SER A 158 -21.01 -3.28 21.01
C SER A 158 -19.60 -3.66 21.54
N SER A 159 -19.54 -4.74 22.31
N SER A 159 -19.49 -4.73 22.32
CA SER A 159 -18.26 -5.21 22.85
CA SER A 159 -18.17 -5.09 22.86
C SER A 159 -17.31 -5.57 21.73
C SER A 159 -17.26 -5.71 21.79
N LEU A 160 -17.82 -6.36 20.79
CA LEU A 160 -17.05 -6.79 19.62
C LEU A 160 -16.54 -5.59 18.81
N ASP A 161 -17.41 -4.63 18.56
CA ASP A 161 -17.03 -3.43 17.83
C ASP A 161 -15.90 -2.70 18.53
N THR A 162 -16.03 -2.51 19.85
CA THR A 162 -15.03 -1.81 20.61
C THR A 162 -13.69 -2.55 20.56
N LYS A 163 -13.75 -3.88 20.65
CA LYS A 163 -12.50 -4.65 20.57
CA LYS A 163 -12.55 -4.75 20.54
C LYS A 163 -11.84 -4.51 19.20
N ILE A 164 -12.63 -4.47 18.11
CA ILE A 164 -12.05 -4.32 16.77
C ILE A 164 -11.43 -2.93 16.65
N LYS A 165 -12.15 -1.90 17.03
CA LYS A 165 -11.63 -0.54 16.95
C LYS A 165 -10.35 -0.38 17.75
N ASN A 166 -10.36 -0.94 18.95
CA ASN A 166 -9.16 -0.93 19.80
C ASN A 166 -7.97 -1.65 19.17
N ALA A 167 -8.25 -2.78 18.55
CA ALA A 167 -7.19 -3.57 17.89
C ALA A 167 -6.58 -2.85 16.69
N ILE A 168 -7.40 -2.15 15.93
CA ILE A 168 -6.89 -1.36 14.82
C ILE A 168 -5.99 -0.25 15.34
N GLN A 169 -6.45 0.46 16.34
CA GLN A 169 -5.67 1.50 16.93
C GLN A 169 -4.37 0.98 17.59
N LYS A 170 -4.48 -0.18 18.23
CA LYS A 170 -3.28 -0.63 18.91
CA LYS A 170 -3.33 -0.90 18.92
C LYS A 170 -2.18 -1.06 17.91
N ALA A 171 -2.55 -1.63 16.76
CA ALA A 171 -1.56 -1.96 15.73
C ALA A 171 -0.93 -0.71 15.14
N ALA A 172 -1.74 0.29 14.78
CA ALA A 172 -1.20 1.52 14.26
C ALA A 172 -0.22 2.19 15.23
N LYS A 173 -0.62 2.29 16.49
N LYS A 173 -0.66 2.25 16.48
CA LYS A 173 0.24 2.94 17.47
CA LYS A 173 0.12 2.81 17.55
C LYS A 173 1.49 2.08 17.75
C LYS A 173 1.44 2.09 17.69
N ALA A 174 1.36 0.77 17.74
CA ALA A 174 2.56 -0.08 17.96
C ALA A 174 3.60 0.10 16.84
N ILE A 175 3.14 0.24 15.61
CA ILE A 175 4.10 0.46 14.50
C ILE A 175 4.74 1.84 14.67
N GLN A 176 3.95 2.85 14.99
CA GLN A 176 4.51 4.18 15.22
C GLN A 176 5.50 4.25 16.38
N ASP A 177 5.29 3.38 17.36
N ASP A 177 5.30 3.36 17.36
CA ASP A 177 6.18 3.34 18.51
CA ASP A 177 6.18 3.30 18.53
C ASP A 177 7.57 2.82 18.18
C ASP A 177 7.47 2.50 18.30
N ILE A 178 7.70 2.06 17.09
CA ILE A 178 9.03 1.58 16.70
C ILE A 178 9.90 2.81 16.55
N PRO A 179 11.12 2.81 17.14
CA PRO A 179 11.94 3.99 16.96
C PRO A 179 12.27 4.23 15.47
N GLN A 180 12.20 5.48 15.06
CA GLN A 180 12.50 5.87 13.69
C GLN A 180 14.00 5.83 13.44
N PRO A 181 14.46 5.20 12.35
CA PRO A 181 13.73 4.38 11.40
C PRO A 181 13.70 2.93 11.82
N PHE A 182 12.67 2.22 11.42
CA PHE A 182 12.55 0.79 11.71
C PHE A 182 13.83 0.06 11.27
N ARG A 183 14.37 0.40 10.11
CA ARG A 183 15.53 -0.34 9.62
CA ARG A 183 15.57 -0.30 9.58
C ARG A 183 16.71 -0.34 10.58
N ASN A 184 16.82 0.68 11.42
CA ASN A 184 17.93 0.75 12.41
C ASN A 184 17.55 0.21 13.78
N HIS A 185 16.32 -0.28 13.91
CA HIS A 185 15.78 -0.77 15.19
C HIS A 185 15.01 -2.09 15.03
N ILE A 186 15.47 -2.93 14.12
CA ILE A 186 14.77 -4.14 13.82
C ILE A 186 14.61 -5.05 15.07
N PRO A 187 15.66 -5.27 15.90
CA PRO A 187 15.48 -6.20 17.02
C PRO A 187 14.76 -5.61 18.23
N SER A 188 14.29 -4.37 18.14
CA SER A 188 13.76 -3.67 19.31
C SER A 188 12.53 -4.36 19.90
N ASN A 189 12.32 -4.15 21.19
CA ASN A 189 11.10 -4.61 21.84
C ASN A 189 9.86 -4.05 21.14
N GLU A 190 9.98 -2.83 20.65
CA GLU A 190 8.85 -2.22 19.93
C GLU A 190 8.51 -2.94 18.62
N THR A 191 9.51 -3.45 17.91
CA THR A 191 9.26 -4.30 16.75
C THR A 191 8.40 -5.53 17.08
N VAL A 192 8.76 -5.94 18.32
N VAL A 192 8.79 -6.48 17.94
CA VAL A 192 8.08 -6.97 19.02
CA VAL A 192 7.97 -7.73 18.12
C VAL A 192 6.69 -6.51 19.39
C VAL A 192 6.50 -7.43 18.50
N ALA A 193 6.54 -5.37 20.06
N ALA A 193 6.30 -6.38 19.28
CA ALA A 193 5.22 -4.87 20.37
CA ALA A 193 4.94 -6.01 19.66
C ALA A 193 4.39 -4.61 19.10
C ALA A 193 4.10 -5.65 18.45
N ALA A 194 5.00 -4.11 18.03
N ALA A 194 4.72 -5.02 17.45
CA ALA A 194 4.26 -3.84 16.79
CA ALA A 194 3.98 -4.64 16.24
C ALA A 194 3.81 -5.15 16.13
C ALA A 194 3.55 -5.86 15.43
N ASP A 196 3.25 -7.99 17.73
N ASP A 196 3.06 -8.79 16.61
CA ASP A 196 2.22 -8.47 18.68
CA ASP A 196 2.08 -9.52 17.41
C ASP A 196 0.87 -7.76 18.42
C ASP A 196 0.69 -8.86 17.38
N ALA A 197 0.89 -6.45 18.27
N ALA A 197 0.67 -7.55 17.44
CA ALA A 197 -0.35 -5.71 18.02
CA ALA A 197 -0.58 -6.81 17.31
C ALA A 197 -0.99 -6.06 16.66
C ALA A 197 -1.23 -7.05 15.95
N CYS A 198 -0.16 -6.22 15.64
N CYS A 198 -0.42 -7.13 14.90
CA CYS A 198 -0.66 -6.63 14.33
CA CYS A 198 -0.96 -7.35 13.57
C CYS A 198 -1.28 -8.03 14.35
C CYS A 198 -1.56 -8.76 13.46
N ALA A 199 -0.68 -8.94 15.11
N ALA A 199 -0.90 -9.74 14.07
CA ALA A 199 -1.19 -10.29 15.27
CA ALA A 199 -1.41 -11.10 14.07
C ALA A 199 -2.57 -10.31 15.96
C ALA A 199 -2.76 -11.15 14.80
N GLU A 200 -2.73 -9.50 16.99
N GLU A 200 -2.86 -10.45 15.93
CA GLU A 200 -4.00 -9.37 17.69
CA GLU A 200 -4.09 -10.47 16.70
C GLU A 200 -5.08 -8.82 16.76
C GLU A 200 -5.20 -9.79 15.92
N LEU A 201 -4.70 -7.83 15.95
N LEU A 201 -4.85 -8.74 15.17
CA LEU A 201 -5.64 -7.21 15.02
CA LEU A 201 -5.82 -8.01 14.37
C LEU A 201 -6.02 -8.18 13.92
C LEU A 201 -6.29 -8.93 13.26
N GLU A 202 -5.03 -8.88 13.40
N GLU A 202 -5.36 -9.60 12.57
CA GLU A 202 -5.27 -9.85 12.37
CA GLU A 202 -5.70 -10.57 11.50
C GLU A 202 -6.29 -10.87 12.87
C GLU A 202 -6.71 -11.57 12.04
N SER A 203 -6.10 -11.31 14.11
N SER A 203 -6.43 -12.13 13.20
CA SER A 203 -7.00 -12.28 14.68
CA SER A 203 -7.35 -13.13 13.78
C SER A 203 -8.42 -11.72 14.92
C SER A 203 -8.71 -12.57 14.15
N ILE A 204 -8.54 -10.51 15.46
N ILE A 204 -8.78 -11.41 14.79
CA ILE A 204 -9.87 -9.99 15.72
CA ILE A 204 -10.09 -10.91 15.20
C ILE A 204 -10.69 -9.75 14.42
C ILE A 204 -10.91 -10.60 13.94
N LEU A 205 -10.02 -9.49 13.31
N LEU A 205 -10.23 -10.29 12.83
CA LEU A 205 -10.72 -9.33 12.04
CA LEU A 205 -10.93 -10.01 11.59
C LEU A 205 -11.14 -10.66 11.42
C LEU A 205 -11.45 -11.29 10.90
N LYS A 206 -10.18 -11.56 11.23
N LYS A 206 -10.56 -12.24 10.65
CA LYS A 206 -10.48 -12.76 10.47
CA LYS A 206 -10.91 -13.38 9.80
C LYS A 206 -11.27 -13.78 11.27
C LYS A 206 -11.73 -14.41 10.54
N ASN A 207 -11.17 -13.74 12.59
N ASN A 207 -11.56 -14.47 11.86
CA ASN A 207 -11.87 -14.69 13.44
CA ASN A 207 -12.31 -15.41 12.68
C ASN A 207 -13.15 -14.06 14.00
C ASN A 207 -13.49 -14.68 13.33
N ASP A 208 -13.02 -13.21 15.01
N ASP A 208 -13.20 -13.90 14.37
CA ASP A 208 -14.20 -12.70 15.71
CA ASP A 208 -14.26 -13.27 15.17
C ASP A 208 -15.20 -12.02 14.76
C ASP A 208 -15.19 -12.37 14.36
N LEU A 209 -14.70 -11.24 13.82
CA LEU A 209 -15.59 -10.38 12.99
C LEU A 209 -16.28 -11.15 11.90
N LYS A 210 -15.52 -11.84 11.06
CA LYS A 210 -16.12 -12.56 9.94
CA LYS A 210 -16.11 -12.56 9.94
C LYS A 210 -17.14 -13.59 10.40
N SER A 211 -16.80 -14.35 11.44
CA SER A 211 -17.68 -15.39 11.99
CA SER A 211 -17.71 -15.40 11.90
C SER A 211 -19.00 -14.80 12.47
N TYR A 212 -18.89 -13.67 13.16
CA TYR A 212 -20.07 -13.02 13.71
C TYR A 212 -21.02 -12.57 12.60
N ILE A 213 -20.48 -11.97 11.54
CA ILE A 213 -21.30 -11.56 10.39
C ILE A 213 -21.91 -12.77 9.67
N ALA A 214 -21.11 -13.81 9.45
CA ALA A 214 -21.53 -14.98 8.70
C ALA A 214 -22.63 -15.81 9.40
N ASN A 215 -22.70 -15.70 10.72
CA ASN A 215 -23.71 -16.44 11.50
C ASN A 215 -25.11 -15.85 11.25
N ASN A 216 -25.96 -16.58 10.52
CA ASN A 216 -27.34 -16.13 10.18
C ASN A 216 -28.11 -15.68 11.40
N SER A 217 -27.85 -16.34 12.53
CA SER A 217 -28.60 -16.08 13.75
CA SER A 217 -28.60 -16.08 13.76
C SER A 217 -28.35 -14.69 14.32
N ASN A 218 -27.30 -14.01 13.86
CA ASN A 218 -27.06 -12.66 14.32
C ASN A 218 -27.79 -11.57 13.50
N ASN A 219 -28.45 -11.99 12.43
CA ASN A 219 -29.37 -11.12 11.70
C ASN A 219 -28.75 -9.88 11.07
N ILE A 220 -27.45 -9.94 10.75
CA ILE A 220 -26.75 -8.82 10.12
C ILE A 220 -26.08 -9.19 8.81
N ASN A 221 -26.52 -10.26 8.17
CA ASN A 221 -25.90 -10.65 6.92
C ASN A 221 -26.79 -10.67 5.69
N THR A 222 -27.99 -10.11 5.83
CA THR A 222 -28.90 -9.94 4.72
C THR A 222 -28.43 -8.83 3.80
N ASP A 223 -28.89 -8.86 2.55
CA ASP A 223 -28.67 -7.70 1.67
C ASP A 223 -29.29 -6.42 2.26
N ALA A 224 -30.42 -6.53 2.95
CA ALA A 224 -31.02 -5.33 3.53
C ALA A 224 -30.07 -4.66 4.51
N VAL A 225 -29.38 -5.45 5.31
CA VAL A 225 -28.42 -4.89 6.25
C VAL A 225 -27.11 -4.48 5.57
N LEU A 226 -26.59 -5.33 4.69
CA LEU A 226 -25.22 -5.13 4.21
C LEU A 226 -25.06 -4.35 2.91
N ASN A 227 -26.12 -4.26 2.11
CA ASN A 227 -26.03 -3.46 0.89
C ASN A 227 -25.53 -2.04 1.14
N PRO A 228 -26.10 -1.32 2.12
CA PRO A 228 -25.62 0.05 2.31
C PRO A 228 -24.17 0.12 2.77
N VAL A 229 -23.74 -0.90 3.48
CA VAL A 229 -22.35 -0.99 3.92
C VAL A 229 -21.45 -1.13 2.65
N VAL A 230 -21.82 -2.01 1.73
CA VAL A 230 -21.05 -2.24 0.50
C VAL A 230 -21.02 -0.96 -0.36
N THR A 231 -22.16 -0.32 -0.50
CA THR A 231 -22.27 0.86 -1.33
C THR A 231 -21.41 1.97 -0.80
N GLN A 232 -21.50 2.21 0.51
CA GLN A 232 -20.68 3.24 1.16
C GLN A 232 -19.19 2.96 1.06
N TYR A 233 -18.82 1.70 1.26
CA TYR A 233 -17.42 1.29 1.17
C TYR A 233 -16.84 1.59 -0.21
N VAL A 234 -17.58 1.23 -1.23
CA VAL A 234 -17.12 1.46 -2.60
C VAL A 234 -17.08 2.95 -2.91
N ASP A 235 -18.16 3.66 -2.59
CA ASP A 235 -18.30 5.05 -3.05
C ASP A 235 -17.51 6.04 -2.23
N ALA A 236 -17.27 5.77 -0.93
CA ALA A 236 -16.57 6.66 -0.02
C ALA A 236 -15.13 6.26 0.28
N VAL A 237 -14.84 4.97 0.20
CA VAL A 237 -13.50 4.50 0.53
C VAL A 237 -12.70 4.13 -0.72
N VAL A 238 -13.16 3.11 -1.44
CA VAL A 238 -12.35 2.52 -2.49
C VAL A 238 -12.18 3.50 -3.66
N VAL A 239 -13.28 3.94 -4.28
CA VAL A 239 -13.15 4.78 -5.49
C VAL A 239 -12.42 6.09 -5.21
N PRO A 240 -12.76 6.78 -4.10
CA PRO A 240 -12.00 8.01 -3.80
C PRO A 240 -10.53 7.80 -3.55
N THR A 241 -10.17 6.67 -2.92
CA THR A 241 -8.76 6.40 -2.73
C THR A 241 -8.05 6.20 -4.07
N TYR A 242 -8.68 5.47 -4.99
CA TYR A 242 -8.05 5.28 -6.29
C TYR A 242 -8.07 6.58 -7.13
N LYS A 243 -9.08 7.43 -6.95
CA LYS A 243 -9.07 8.75 -7.60
CA LYS A 243 -9.07 8.74 -7.59
C LYS A 243 -7.87 9.55 -7.12
N SER A 244 -7.65 9.56 -5.82
CA SER A 244 -6.52 10.29 -5.23
CA SER A 244 -6.53 10.30 -5.26
CA SER A 244 -6.53 10.31 -5.26
C SER A 244 -5.19 9.73 -5.74
N LEU A 245 -5.11 8.40 -5.79
CA LEU A 245 -3.90 7.75 -6.31
C LEU A 245 -3.62 8.18 -7.75
N LYS A 246 -4.65 8.16 -8.59
CA LYS A 246 -4.47 8.60 -9.97
C LYS A 246 -3.97 10.05 -10.03
N GLU A 247 -4.62 10.93 -9.28
CA GLU A 247 -4.24 12.36 -9.32
C GLU A 247 -2.82 12.57 -8.83
N LYS A 248 -2.45 11.85 -7.79
CA LYS A 248 -1.15 12.04 -7.17
CA LYS A 248 -1.15 12.04 -7.17
CA LYS A 248 -1.13 12.02 -7.15
C LYS A 248 -0.02 11.35 -7.96
N ASN A 249 -0.33 10.24 -8.63
CA ASN A 249 0.66 9.63 -9.57
C ASN A 249 0.85 10.54 -10.80
N ASP A 250 -0.20 11.27 -11.20
CA ASP A 250 -0.09 12.27 -12.26
C ASP A 250 0.87 13.38 -11.81
N ALA A 251 0.67 13.87 -10.60
CA ALA A 251 1.53 14.91 -10.01
C ALA A 251 2.99 14.45 -9.89
N LEU A 252 3.16 13.19 -9.47
CA LEU A 252 4.47 12.59 -9.36
C LEU A 252 5.19 12.56 -10.71
N TYR A 253 4.46 12.19 -11.77
CA TYR A 253 5.02 12.16 -13.12
C TYR A 253 5.54 13.58 -13.48
N ASN A 254 4.74 14.62 -13.23
CA ASN A 254 5.18 15.98 -13.55
C ASN A 254 6.42 16.37 -12.77
N ALA A 255 6.46 16.00 -11.49
CA ALA A 255 7.60 16.31 -10.66
C ALA A 255 8.87 15.62 -11.18
N VAL A 256 8.74 14.38 -11.64
CA VAL A 256 9.86 13.66 -12.21
C VAL A 256 10.33 14.30 -13.52
N ILE A 257 9.39 14.73 -14.37
CA ILE A 257 9.77 15.41 -15.64
C ILE A 257 10.54 16.71 -15.32
N VAL A 258 10.10 17.48 -14.32
CA VAL A 258 10.79 18.75 -14.01
C VAL A 258 12.20 18.46 -13.49
N LEU A 259 12.34 17.41 -12.67
CA LEU A 259 13.65 16.98 -12.17
C LEU A 259 14.57 16.61 -13.32
N ALA A 260 14.05 15.87 -14.31
CA ALA A 260 14.83 15.48 -15.48
C ALA A 260 15.24 16.71 -16.29
N ASP A 261 14.34 17.68 -16.41
CA ASP A 261 14.57 18.84 -17.26
C ASP A 261 15.47 19.89 -16.60
N ASN A 262 15.46 19.97 -15.28
CA ASN A 262 16.19 20.98 -14.54
C ASN A 262 16.68 20.35 -13.22
N PRO A 263 17.66 19.46 -13.33
CA PRO A 263 18.06 18.74 -12.14
C PRO A 263 18.77 19.61 -11.12
N SER A 264 18.43 19.42 -9.84
CA SER A 264 19.01 20.15 -8.71
C SER A 264 18.62 19.44 -7.42
N ASN A 265 19.26 19.83 -6.31
CA ASN A 265 18.87 19.31 -5.02
C ASN A 265 17.41 19.62 -4.72
N SER A 266 16.99 20.81 -5.06
CA SER A 266 15.61 21.23 -4.81
CA SER A 266 15.62 21.23 -4.80
C SER A 266 14.64 20.39 -5.62
N ALA A 267 14.99 20.10 -6.87
CA ALA A 267 14.15 19.27 -7.72
C ALA A 267 14.00 17.84 -7.19
N PHE A 268 15.08 17.28 -6.66
CA PHE A 268 15.02 15.97 -6.00
C PHE A 268 14.05 16.03 -4.83
N GLU A 269 14.23 17.05 -3.99
CA GLU A 269 13.34 17.23 -2.81
C GLU A 269 11.87 17.31 -3.24
N THR A 270 11.59 18.07 -4.28
CA THR A 270 10.24 18.22 -4.79
C THR A 270 9.66 16.88 -5.29
N ALA A 271 10.46 16.10 -6.02
CA ALA A 271 10.03 14.79 -6.48
C ALA A 271 9.84 13.82 -5.31
N CYS A 272 10.69 13.90 -4.29
CA CYS A 272 10.49 13.09 -3.11
C CYS A 272 9.20 13.47 -2.40
N ASP A 273 8.93 14.78 -2.27
CA ASP A 273 7.64 15.19 -1.70
C ASP A 273 6.47 14.56 -2.46
N ALA A 274 6.56 14.60 -3.78
CA ALA A 274 5.53 14.02 -4.61
C ALA A 274 5.40 12.51 -4.43
N TRP A 275 6.53 11.85 -4.18
CA TRP A 275 6.53 10.40 -3.95
C TRP A 275 5.76 10.08 -2.66
N ILE A 276 6.08 10.78 -1.58
CA ILE A 276 5.35 10.55 -0.32
C ILE A 276 3.87 10.82 -0.51
N THR A 277 3.55 11.89 -1.19
CA THR A 277 2.16 12.31 -1.40
C THR A 277 1.40 11.21 -2.15
N ALA A 278 2.00 10.68 -3.20
CA ALA A 278 1.38 9.63 -4.01
C ALA A 278 1.30 8.28 -3.24
N ARG A 279 2.29 8.04 -2.39
CA ARG A 279 2.31 6.82 -1.60
C ARG A 279 1.15 6.72 -0.63
N GLU A 280 0.67 7.85 -0.14
CA GLU A 280 -0.36 7.80 0.90
CA GLU A 280 -0.37 7.82 0.89
C GLU A 280 -1.65 7.08 0.45
N PRO A 281 -2.28 7.48 -0.68
CA PRO A 281 -3.46 6.74 -1.08
C PRO A 281 -3.12 5.29 -1.46
N TRP A 282 -1.94 5.04 -2.02
CA TRP A 282 -1.54 3.67 -2.31
C TRP A 282 -1.51 2.83 -1.03
N GLU A 283 -0.82 3.35 -0.03
CA GLU A 283 -0.63 2.60 1.22
C GLU A 283 -1.99 2.43 1.93
N LYS A 284 -2.82 3.47 1.84
CA LYS A 284 -4.17 3.40 2.42
CA LYS A 284 -4.19 3.47 2.40
C LYS A 284 -5.17 2.61 1.59
N SER A 285 -4.71 2.00 0.49
CA SER A 285 -5.53 1.10 -0.31
C SER A 285 -5.20 -0.34 -0.04
N GLU A 286 -4.20 -0.66 0.78
CA GLU A 286 -3.73 -2.04 0.84
CA GLU A 286 -3.72 -2.04 0.84
C GLU A 286 -4.60 -3.01 1.62
N ALA A 287 -5.67 -2.52 2.28
CA ALA A 287 -6.71 -3.41 2.82
C ALA A 287 -7.71 -3.88 1.77
N PHE A 288 -7.63 -3.36 0.54
CA PHE A 288 -8.49 -3.78 -0.55
C PHE A 288 -7.70 -4.18 -1.77
N LEU A 289 -6.74 -5.09 -1.58
CA LEU A 289 -5.99 -5.67 -2.69
C LEU A 289 -6.77 -6.83 -3.31
N PHE A 290 -7.90 -6.49 -3.91
CA PHE A 290 -8.74 -7.42 -4.63
C PHE A 290 -9.33 -6.75 -5.84
N GLY A 291 -9.91 -7.54 -6.73
CA GLY A 291 -10.46 -7.00 -7.96
C GLY A 291 -9.34 -6.53 -8.86
N PRO A 292 -9.56 -5.43 -9.59
CA PRO A 292 -8.57 -4.97 -10.57
C PRO A 292 -7.13 -4.95 -10.14
N VAL A 293 -6.83 -4.46 -8.95
CA VAL A 293 -5.42 -4.33 -8.54
C VAL A 293 -4.78 -5.73 -8.36
N ASP A 294 -5.61 -6.75 -8.12
CA ASP A 294 -5.13 -8.11 -7.85
C ASP A 294 -5.24 -8.98 -9.09
N GLU A 295 -5.34 -8.37 -10.27
CA GLU A 295 -5.45 -9.05 -11.56
C GLU A 295 -4.36 -8.58 -12.51
N GLY A 297 -1.34 -8.94 -12.83
CA GLY A 297 -0.08 -8.48 -12.24
C GLY A 297 -0.01 -6.99 -11.94
N LEU A 298 -1.16 -6.34 -11.79
CA LEU A 298 -1.16 -4.90 -11.56
C LEU A 298 -0.43 -4.51 -10.28
N ASP A 299 -0.71 -5.20 -9.17
CA ASP A 299 -0.06 -4.87 -7.90
C ASP A 299 1.46 -5.00 -8.02
N PRO A 300 1.97 -6.15 -8.49
CA PRO A 300 3.42 -6.21 -8.64
C PRO A 300 4.02 -5.27 -9.70
N ASN A 301 3.21 -4.83 -10.64
CA ASN A 301 3.66 -3.80 -11.58
C ASN A 301 3.76 -2.41 -10.95
N ASP A 303 4.16 -2.01 -7.32
CA ASP A 303 4.67 -2.00 -5.96
C ASP A 303 5.47 -3.22 -5.56
N SER A 304 6.30 -3.76 -6.45
CA SER A 304 7.11 -4.90 -6.06
C SER A 304 8.11 -4.53 -5.01
N TRP A 305 8.38 -5.49 -4.13
CA TRP A 305 9.46 -5.42 -3.15
C TRP A 305 9.77 -6.85 -2.76
N PRO A 306 11.05 -7.25 -2.76
CA PRO A 306 12.28 -6.52 -3.07
C PRO A 306 12.45 -6.27 -4.57
N LEU A 307 13.46 -5.48 -4.89
CA LEU A 307 13.80 -5.12 -6.26
C LEU A 307 15.03 -5.92 -6.70
N ASP A 308 15.25 -5.94 -8.02
CA ASP A 308 16.53 -6.39 -8.58
C ASP A 308 17.40 -5.13 -8.64
N GLN A 309 18.03 -4.80 -7.52
CA GLN A 309 18.73 -3.54 -7.39
C GLN A 309 19.96 -3.49 -8.31
N ASN A 310 20.65 -4.61 -8.45
CA ASN A 310 21.79 -4.61 -9.36
CA ASN A 310 21.77 -4.73 -9.39
C ASN A 310 21.35 -4.37 -10.81
N ALA A 311 20.17 -4.86 -11.21
CA ALA A 311 19.64 -4.56 -12.54
C ALA A 311 19.34 -3.08 -12.74
N ILE A 312 18.88 -2.41 -11.67
CA ILE A 312 18.67 -0.96 -11.76
C ILE A 312 19.99 -0.24 -11.97
N VAL A 313 21.03 -0.61 -11.22
CA VAL A 313 22.34 -0.01 -11.41
C VAL A 313 22.87 -0.24 -12.84
N GLN A 314 22.67 -1.45 -13.39
CA GLN A 314 23.08 -1.75 -14.77
CA GLN A 314 23.08 -1.75 -14.77
C GLN A 314 22.34 -0.84 -15.76
N ILE A 315 21.03 -0.66 -15.55
CA ILE A 315 20.24 0.29 -16.35
C ILE A 315 20.83 1.71 -16.29
N LEU A 316 21.16 2.17 -15.08
CA LEU A 316 21.65 3.51 -14.90
C LEU A 316 23.01 3.72 -15.55
N ASN A 317 23.80 2.65 -15.62
CA ASN A 317 25.10 2.68 -16.29
C ASN A 317 25.07 2.36 -17.77
N SER A 318 23.89 2.08 -18.29
CA SER A 318 23.78 1.64 -19.68
C SER A 318 23.80 2.80 -20.67
N GLN A 319 24.46 2.55 -21.81
CA GLN A 319 24.49 3.56 -22.86
CA GLN A 319 24.51 3.53 -22.89
C GLN A 319 23.12 3.66 -23.54
N SER A 320 22.37 2.55 -23.62
CA SER A 320 21.08 2.59 -24.29
C SER A 320 20.12 3.53 -23.59
N TRP A 321 20.02 3.45 -22.27
CA TRP A 321 19.14 4.36 -21.54
C TRP A 321 19.68 5.80 -21.54
N SER A 322 21.00 5.94 -21.67
CA SER A 322 21.61 7.28 -21.78
C SER A 322 21.25 7.97 -23.08
N ASP A 323 21.20 7.18 -24.14
CA ASP A 323 21.04 7.64 -25.53
C ASP A 323 19.59 7.70 -26.00
N LEU A 324 18.65 7.19 -25.18
CA LEU A 324 17.24 7.15 -25.57
C LEU A 324 16.68 8.54 -25.83
N GLU A 325 15.87 8.63 -26.90
N GLU A 325 15.85 8.64 -26.87
CA GLU A 325 15.09 9.82 -27.23
CA GLU A 325 15.12 9.88 -27.18
C GLU A 325 13.61 9.44 -27.14
C GLU A 325 13.62 9.58 -27.35
N TRP A 326 12.76 10.37 -26.69
CA TRP A 326 11.31 10.08 -26.59
C TRP A 326 10.45 10.59 -27.78
N SER A 327 9.34 9.90 -28.08
CA SER A 327 8.34 10.39 -29.05
C SER A 327 7.77 11.71 -28.59
N GLU A 328 7.54 12.61 -29.56
CA GLU A 328 7.14 13.98 -29.23
C GLU A 328 5.83 14.02 -28.47
N GLY A 329 5.85 14.74 -27.34
CA GLY A 329 4.68 14.98 -26.48
C GLY A 329 3.99 13.72 -25.97
N ASP A 330 4.73 12.63 -25.82
CA ASP A 330 4.15 11.31 -25.56
C ASP A 330 4.46 10.95 -24.11
N ASP A 331 3.43 10.77 -23.30
CA ASP A 331 3.62 10.48 -21.87
C ASP A 331 3.70 8.98 -21.56
N GLU A 332 3.57 8.13 -22.57
CA GLU A 332 3.66 6.67 -22.35
CA GLU A 332 3.66 6.67 -22.37
C GLU A 332 5.09 6.25 -22.04
N ALA A 333 5.25 5.14 -21.34
CA ALA A 333 6.55 4.60 -21.05
C ALA A 333 7.23 4.15 -22.33
N ALA A 334 8.56 4.20 -22.33
CA ALA A 334 9.40 3.65 -23.42
C ALA A 334 9.44 2.12 -23.38
N VAL A 335 9.46 1.56 -22.17
CA VAL A 335 9.66 0.13 -21.99
C VAL A 335 8.73 -0.37 -20.86
N GLU A 336 8.01 -1.46 -21.16
CA GLU A 336 7.17 -2.15 -20.20
C GLU A 336 8.09 -2.99 -19.31
N SER A 337 8.71 -2.35 -18.31
CA SER A 337 9.75 -2.94 -17.55
C SER A 337 9.28 -4.12 -16.69
N ALA A 338 10.24 -4.95 -16.31
CA ALA A 338 10.01 -6.05 -15.38
C ALA A 338 9.52 -5.51 -14.03
N GLN A 339 8.71 -6.33 -13.37
CA GLN A 339 8.14 -5.99 -12.06
C GLN A 339 9.20 -5.53 -11.05
N ASN A 340 10.33 -6.22 -10.99
CA ASN A 340 11.33 -5.97 -9.97
C ASN A 340 12.31 -4.81 -10.28
N VAL A 341 12.06 -4.11 -11.39
CA VAL A 341 12.78 -2.86 -11.69
C VAL A 341 11.80 -1.74 -12.08
N ARG A 342 10.57 -1.82 -11.59
CA ARG A 342 9.60 -0.73 -11.77
C ARG A 342 8.88 -0.48 -10.45
N GLY A 343 7.82 0.30 -10.53
CA GLY A 343 6.96 0.56 -9.41
C GLY A 343 7.46 1.60 -8.45
N PHE A 344 6.66 1.81 -7.40
CA PHE A 344 6.96 2.82 -6.42
C PHE A 344 8.36 2.71 -5.82
N HIS A 345 8.80 1.47 -5.52
CA HIS A 345 10.06 1.32 -4.84
C HIS A 345 11.27 1.53 -5.76
N THR A 346 11.12 1.31 -7.05
CA THR A 346 12.17 1.67 -8.00
C THR A 346 12.29 3.17 -8.09
N LEU A 347 11.17 3.88 -8.17
CA LEU A 347 11.27 5.34 -8.13
C LEU A 347 11.85 5.82 -6.81
N GLU A 348 11.45 5.16 -5.73
CA GLU A 348 12.03 5.48 -4.43
C GLU A 348 13.57 5.38 -4.44
N PHE A 349 14.06 4.26 -5.00
CA PHE A 349 15.53 4.04 -5.12
C PHE A 349 16.21 5.18 -5.87
N LEU A 350 15.53 5.64 -6.92
CA LEU A 350 16.04 6.69 -7.81
C LEU A 350 15.99 8.09 -7.21
N LEU A 351 15.16 8.26 -6.17
CA LEU A 351 14.95 9.56 -5.55
C LEU A 351 15.63 9.76 -4.19
N TYR A 352 15.84 8.67 -3.46
CA TYR A 352 16.31 8.69 -2.09
C TYR A 352 17.58 7.88 -1.88
N LYS A 353 18.34 8.29 -0.88
CA LYS A 353 19.40 7.45 -0.39
C LYS A 353 19.50 7.60 1.12
N ASN A 354 19.42 6.49 1.83
CA ASN A 354 19.69 6.48 3.29
C ASN A 354 18.80 7.47 4.07
N GLY A 355 17.54 7.51 3.67
CA GLY A 355 16.50 8.26 4.33
C GLY A 355 16.34 9.72 3.91
N GLU A 356 17.13 10.18 2.95
CA GLU A 356 17.09 11.60 2.54
C GLU A 356 16.99 11.68 1.01
N PRO A 357 16.46 12.79 0.50
CA PRO A 357 16.49 12.98 -0.94
C PRO A 357 17.92 12.91 -1.45
N ARG A 358 18.09 12.33 -2.65
CA ARG A 358 19.40 12.37 -3.29
C ARG A 358 19.80 13.80 -3.64
N LYS A 359 21.11 13.97 -3.77
CA LYS A 359 21.70 15.25 -4.15
C LYS A 359 22.49 15.07 -5.44
N VAL A 360 22.60 16.19 -6.15
CA VAL A 360 23.47 16.24 -7.32
C VAL A 360 24.93 16.46 -6.82
N GLN A 361 25.87 16.17 -7.69
CA GLN A 361 27.29 16.21 -7.34
C GLN A 361 27.75 17.65 -7.10
#